data_4A5G
#
_entry.id   4A5G
#
_cell.length_a   59.148
_cell.length_b   41.192
_cell.length_c   137.796
_cell.angle_alpha   90.00
_cell.angle_beta   96.91
_cell.angle_gamma   90.00
#
_symmetry.space_group_name_H-M   'P 1 21 1'
#
loop_
_entity.id
_entity.type
_entity.pdbx_description
1 polymer 'ANIONIC PEROXIDASE'
2 branched beta-D-xylopyranose-(1-2)-[alpha-D-mannopyranose-(1-3)]beta-D-mannopyranose-(1-4)-2-acetamido-2-deoxy-beta-D-glucopyranose-(1-4)-[alpha-L-fucopyranose-(1-3)]2-acetamido-2-deoxy-beta-D-glucopyranose
3 branched beta-D-mannopyranose-(1-4)-2-acetamido-2-deoxy-beta-D-glucopyranose-(1-4)-[alpha-L-fucopyranose-(1-3)]2-acetamido-2-deoxy-beta-D-glucopyranose
4 branched alpha-D-mannopyranose-(1-4)-2-acetamido-2-deoxy-beta-D-glucopyranose-(1-4)-[beta-L-fucopyranose-(1-3)]2-acetamido-2-deoxy-beta-D-glucopyranose
5 branched alpha-D-mannopyranose-(1-4)-2-acetamido-2-deoxy-beta-D-glucopyranose-(1-4)-[alpha-L-fucopyranose-(1-3)]2-acetamido-2-deoxy-beta-D-glucopyranose
6 branched beta-D-xylopyranose-(1-2)-[beta-D-mannopyranose-(1-3)]beta-D-mannopyranose-(1-4)-2-acetamido-2-deoxy-beta-D-glucopyranose-(1-4)-[beta-L-fucopyranose-(1-3)]2-acetamido-2-deoxy-beta-D-glucopyranose
7 branched 2-acetamido-2-deoxy-beta-D-glucopyranose-(1-4)-2-acetamido-2-deoxy-beta-D-glucopyranose
8 branched beta-D-mannopyranose-(1-4)-2-acetamido-2-deoxy-beta-D-glucopyranose-(1-4)-[beta-L-fucopyranose-(1-3)]2-acetamido-2-deoxy-beta-D-glucopyranose
9 branched alpha-L-fucopyranose-(1-3)-[2-acetamido-2-deoxy-beta-D-glucopyranose-(1-4)]2-acetamido-2-deoxy-beta-D-glucopyranose
10 non-polymer 'PROTOPORPHYRIN IX CONTAINING FE'
11 non-polymer 'CALCIUM ION'
12 non-polymer 2-acetamido-2-deoxy-beta-D-glucopyranose
13 non-polymer 'PENTAETHYLENE GLYCOL'
14 non-polymer 2-(2-METHOXYETHOXY)ETHANOL
15 water water
#
_entity_poly.entity_id   1
_entity_poly.type   'polypeptide(L)'
_entity_poly.pdbx_seq_one_letter_code
;GGSLNATFYAGTCPNASAMVRTIVQQAFQSDSRIGASLIRLHFHDCFVLGCDASILLDNSGSIISEKNAGPNANSARGFN
VVDNIKTALENACPGVVSCTDVLALASQASVSLSGGPSWTVDLGRRDTLTANQAGANSSIPSPTQGLSNITSKFSAVGLN
TNDLVALSGAHTFGRATCGVFSNRLFNFSGKGNPDPTLNTTLLSTLQELCPQKGRGSGSTNLDLSTPDAFDNNYFTNLQS
NNGLLQSDQELFSTTGSATIAIVTSFASNQTLFFQAFAQSMINMGNISPLTGSSGEIRLDCKKTNGSG
;
_entity_poly.pdbx_strand_id   A,B
#
# COMPACT_ATOMS: atom_id res chain seq x y z
N GLY A 2 -0.47 -18.61 -17.54
CA GLY A 2 -1.30 -17.79 -18.38
C GLY A 2 -0.43 -17.02 -19.33
N SER A 3 0.73 -17.60 -19.57
N SER A 3 0.66 -17.74 -19.29
CA SER A 3 1.71 -17.15 -20.49
CA SER A 3 1.80 -17.34 -20.06
C SER A 3 2.28 -15.77 -20.17
C SER A 3 2.14 -15.88 -19.98
N LEU A 4 3.12 -15.71 -19.15
CA LEU A 4 3.99 -14.59 -18.91
C LEU A 4 4.95 -14.57 -20.08
N ASN A 5 5.43 -13.42 -20.46
CA ASN A 5 6.41 -13.32 -21.53
C ASN A 5 7.48 -12.24 -21.30
N ALA A 6 8.59 -12.34 -22.01
CA ALA A 6 9.74 -11.48 -21.83
C ALA A 6 9.54 -10.05 -22.25
N THR A 7 8.64 -9.86 -23.19
CA THR A 7 8.41 -8.60 -23.85
C THR A 7 7.11 -7.90 -23.44
N PHE A 8 6.59 -8.22 -22.28
CA PHE A 8 5.28 -7.74 -21.87
C PHE A 8 5.22 -6.21 -21.83
N TYR A 9 6.30 -5.57 -21.44
CA TYR A 9 6.29 -4.14 -21.29
C TYR A 9 6.91 -3.41 -22.46
N ALA A 10 7.05 -4.10 -23.57
CA ALA A 10 7.84 -3.60 -24.65
C ALA A 10 7.31 -2.29 -25.17
N GLY A 11 6.02 -2.22 -25.37
CA GLY A 11 5.30 -1.02 -25.64
C GLY A 11 5.15 0.06 -24.59
N THR A 12 5.05 -0.35 -23.35
CA THR A 12 4.62 0.49 -22.28
C THR A 12 5.68 0.95 -21.28
N CYS A 13 6.70 0.16 -21.11
CA CYS A 13 7.83 0.51 -20.30
C CYS A 13 9.06 -0.30 -20.69
N PRO A 14 9.61 0.02 -21.83
CA PRO A 14 10.72 -0.73 -22.35
C PRO A 14 11.94 -0.71 -21.45
N ASN A 15 12.15 0.33 -20.67
CA ASN A 15 13.37 0.44 -19.93
C ASN A 15 13.25 0.01 -18.47
N ALA A 16 12.26 -0.79 -18.17
CA ALA A 16 11.94 -1.16 -16.84
C ALA A 16 13.09 -1.89 -16.20
N SER A 17 13.68 -2.80 -16.95
CA SER A 17 14.79 -3.56 -16.42
C SER A 17 15.98 -2.73 -16.02
N ALA A 18 16.41 -1.84 -16.89
CA ALA A 18 17.50 -0.94 -16.57
C ALA A 18 17.17 -0.06 -15.35
N MET A 19 15.96 0.46 -15.29
CA MET A 19 15.54 1.28 -14.19
C MET A 19 15.58 0.54 -12.87
N VAL A 20 15.10 -0.69 -12.84
CA VAL A 20 15.12 -1.47 -11.61
C VAL A 20 16.57 -1.67 -11.18
N ARG A 21 17.41 -2.02 -12.13
CA ARG A 21 18.78 -2.30 -11.90
C ARG A 21 19.49 -1.10 -11.33
N THR A 22 19.17 0.07 -11.84
CA THR A 22 19.76 1.29 -11.33
C THR A 22 19.46 1.52 -9.86
N ILE A 23 18.23 1.37 -9.46
CA ILE A 23 17.81 1.52 -8.09
C ILE A 23 18.40 0.48 -7.13
N VAL A 24 18.45 -0.77 -7.57
CA VAL A 24 19.06 -1.81 -6.79
C VAL A 24 20.55 -1.52 -6.59
N GLN A 25 21.23 -1.06 -7.62
CA GLN A 25 22.62 -0.67 -7.48
C GLN A 25 22.84 0.45 -6.47
N GLN A 26 22.05 1.47 -6.57
CA GLN A 26 22.02 2.49 -5.50
CA GLN A 26 22.05 2.48 -5.55
C GLN A 26 21.85 1.98 -4.11
N ALA A 27 20.93 1.08 -4.01
CA ALA A 27 20.57 0.48 -2.76
C ALA A 27 21.73 -0.30 -2.17
N PHE A 28 22.46 -0.98 -3.01
CA PHE A 28 23.59 -1.77 -2.63
C PHE A 28 24.68 -0.89 -2.01
N GLN A 29 24.70 0.38 -2.37
CA GLN A 29 25.66 1.33 -1.88
C GLN A 29 25.68 1.42 -0.37
N SER A 30 24.51 1.42 0.24
CA SER A 30 24.39 1.50 1.68
C SER A 30 24.11 0.20 2.41
N ASP A 31 23.69 -0.81 1.69
CA ASP A 31 23.30 -2.07 2.29
C ASP A 31 23.76 -3.28 1.47
N SER A 32 24.81 -3.93 1.94
CA SER A 32 25.44 -5.06 1.27
C SER A 32 24.48 -6.24 1.11
N ARG A 33 23.53 -6.29 1.99
CA ARG A 33 22.59 -7.37 2.13
C ARG A 33 21.34 -7.25 1.24
N ILE A 34 21.11 -6.09 0.69
CA ILE A 34 19.86 -5.82 0.02
C ILE A 34 19.53 -6.75 -1.16
N GLY A 35 20.49 -7.12 -1.96
CA GLY A 35 20.21 -8.00 -3.05
C GLY A 35 19.71 -9.34 -2.53
N ALA A 36 20.34 -9.86 -1.49
CA ALA A 36 19.85 -11.09 -0.91
C ALA A 36 18.40 -10.98 -0.38
N SER A 37 18.11 -9.91 0.35
CA SER A 37 16.80 -9.71 0.93
C SER A 37 15.75 -9.60 -0.18
N LEU A 38 16.09 -8.94 -1.26
CA LEU A 38 15.17 -8.77 -2.35
C LEU A 38 14.75 -10.05 -3.07
N ILE A 39 15.71 -10.90 -3.40
CA ILE A 39 15.43 -12.16 -4.02
C ILE A 39 14.60 -13.06 -3.10
N ARG A 40 14.85 -12.99 -1.81
CA ARG A 40 14.10 -13.76 -0.86
C ARG A 40 12.60 -13.38 -0.85
N LEU A 41 12.32 -12.11 -1.03
CA LEU A 41 10.95 -11.64 -1.11
C LEU A 41 10.23 -12.27 -2.32
N HIS A 42 10.90 -12.38 -3.45
CA HIS A 42 10.36 -13.06 -4.59
C HIS A 42 10.08 -14.52 -4.26
N PHE A 43 10.99 -15.17 -3.56
CA PHE A 43 10.79 -16.55 -3.16
C PHE A 43 9.58 -16.73 -2.26
N HIS A 44 9.50 -15.93 -1.21
CA HIS A 44 8.39 -15.92 -0.29
C HIS A 44 7.11 -15.46 -0.97
N ASP A 45 7.20 -14.62 -1.99
CA ASP A 45 6.03 -14.27 -2.73
C ASP A 45 5.47 -15.48 -3.49
N CYS A 46 6.30 -16.10 -4.30
CA CYS A 46 5.91 -17.18 -5.17
C CYS A 46 5.35 -18.41 -4.46
N PHE A 47 5.86 -18.69 -3.28
CA PHE A 47 5.49 -19.88 -2.50
C PHE A 47 4.14 -19.77 -1.79
N VAL A 48 3.55 -18.59 -1.84
CA VAL A 48 2.25 -18.36 -1.23
C VAL A 48 1.26 -17.69 -2.17
N LEU A 49 0.28 -18.44 -2.63
CA LEU A 49 -0.66 -18.00 -3.62
C LEU A 49 -0.05 -17.48 -4.91
N GLY A 50 1.09 -17.98 -5.30
CA GLY A 50 1.79 -17.57 -6.49
C GLY A 50 2.47 -16.21 -6.44
N CYS A 51 3.23 -15.89 -7.45
CA CYS A 51 3.98 -14.64 -7.52
C CYS A 51 3.03 -13.49 -7.83
N ASP A 52 2.34 -13.05 -6.80
CA ASP A 52 1.27 -12.09 -6.90
C ASP A 52 1.48 -10.84 -6.00
N ALA A 53 2.64 -10.69 -5.44
CA ALA A 53 2.95 -9.58 -4.57
C ALA A 53 2.10 -9.57 -3.31
N SER A 54 1.60 -10.73 -2.92
CA SER A 54 0.81 -10.82 -1.71
C SER A 54 1.62 -10.44 -0.46
N ILE A 55 2.89 -10.74 -0.49
CA ILE A 55 3.77 -10.49 0.62
C ILE A 55 3.95 -9.02 0.94
N LEU A 56 3.86 -8.19 -0.07
CA LEU A 56 4.08 -6.79 0.08
C LEU A 56 3.02 -6.02 0.82
N LEU A 57 1.84 -6.60 0.95
CA LEU A 57 0.75 -5.90 1.52
C LEU A 57 0.85 -5.74 3.05
N ASP A 58 0.69 -4.54 3.52
CA ASP A 58 0.64 -4.21 4.93
C ASP A 58 -0.72 -4.53 5.60
N ASN A 59 -0.70 -4.64 6.92
CA ASN A 59 -1.89 -4.88 7.67
C ASN A 59 -2.92 -3.78 7.47
N SER A 60 -4.15 -4.21 7.42
CA SER A 60 -5.35 -3.36 7.41
C SER A 60 -6.52 -4.12 8.05
N GLY A 61 -7.66 -3.51 8.02
CA GLY A 61 -8.86 -4.11 8.51
C GLY A 61 -9.20 -5.32 7.70
N SER A 62 -8.85 -5.30 6.45
CA SER A 62 -9.13 -6.40 5.58
C SER A 62 -7.95 -7.39 5.45
N ILE A 63 -6.74 -6.92 5.66
CA ILE A 63 -5.51 -7.68 5.46
C ILE A 63 -4.75 -8.06 6.71
N ILE A 64 -4.60 -9.35 6.89
CA ILE A 64 -3.70 -9.92 7.85
C ILE A 64 -2.37 -10.23 7.13
N SER A 65 -1.40 -9.36 7.33
CA SER A 65 -0.20 -9.33 6.54
C SER A 65 0.64 -10.59 6.64
N GLU A 66 1.14 -11.00 5.48
CA GLU A 66 2.14 -12.03 5.40
C GLU A 66 3.45 -11.62 6.11
N LYS A 67 3.65 -10.33 6.29
CA LYS A 67 4.83 -9.81 6.93
C LYS A 67 4.95 -10.33 8.36
N ASN A 68 3.82 -10.68 8.95
CA ASN A 68 3.71 -11.22 10.28
C ASN A 68 3.76 -12.74 10.39
N ALA A 69 3.81 -13.43 9.28
CA ALA A 69 3.88 -14.85 9.28
C ALA A 69 5.22 -15.29 9.87
N GLY A 70 5.26 -16.50 10.35
CA GLY A 70 6.46 -17.07 10.94
C GLY A 70 7.76 -16.86 10.19
N PRO A 71 7.81 -17.21 8.92
CA PRO A 71 9.04 -17.11 8.14
C PRO A 71 9.38 -15.68 7.80
N ASN A 72 8.43 -14.78 7.93
CA ASN A 72 8.66 -13.38 7.60
C ASN A 72 8.97 -12.41 8.73
N ALA A 73 8.32 -12.61 9.86
CA ALA A 73 8.31 -11.65 10.94
C ALA A 73 9.71 -11.43 11.47
N ASN A 74 10.12 -10.19 11.54
CA ASN A 74 11.45 -9.83 11.98
C ASN A 74 12.54 -10.57 11.21
N SER A 75 12.27 -10.89 9.97
CA SER A 75 13.17 -11.60 9.12
C SER A 75 13.18 -11.06 7.70
N ALA A 76 12.04 -11.06 7.05
CA ALA A 76 11.93 -10.54 5.72
C ALA A 76 12.20 -9.04 5.77
N ARG A 77 12.85 -8.54 4.75
CA ARG A 77 13.27 -7.18 4.70
C ARG A 77 13.45 -6.64 3.28
N GLY A 78 13.69 -5.36 3.16
CA GLY A 78 13.81 -4.71 1.88
C GLY A 78 12.59 -4.05 1.27
N PHE A 79 11.51 -3.99 2.03
CA PHE A 79 10.26 -3.46 1.59
C PHE A 79 10.35 -2.01 1.16
N ASN A 80 11.10 -1.20 1.89
CA ASN A 80 11.32 0.17 1.52
C ASN A 80 12.07 0.34 0.18
N VAL A 81 13.02 -0.51 -0.09
CA VAL A 81 13.71 -0.51 -1.36
C VAL A 81 12.79 -0.85 -2.52
N VAL A 82 11.90 -1.80 -2.26
CA VAL A 82 10.90 -2.15 -3.23
C VAL A 82 10.01 -0.94 -3.51
N ASP A 83 9.67 -0.18 -2.50
CA ASP A 83 8.92 1.03 -2.73
C ASP A 83 9.68 2.01 -3.62
N ASN A 84 10.97 2.14 -3.38
CA ASN A 84 11.84 3.01 -4.13
C ASN A 84 11.94 2.61 -5.60
N ILE A 85 12.01 1.34 -5.87
CA ILE A 85 11.96 0.84 -7.23
C ILE A 85 10.63 1.18 -7.89
N LYS A 86 9.55 0.92 -7.18
CA LYS A 86 8.25 1.18 -7.68
C LYS A 86 8.10 2.67 -7.98
N THR A 87 8.61 3.53 -7.14
CA THR A 87 8.50 4.93 -7.33
C THR A 87 9.19 5.36 -8.62
N ALA A 88 10.34 4.81 -8.90
CA ALA A 88 11.04 5.11 -10.13
C ALA A 88 10.24 4.70 -11.36
N LEU A 89 9.70 3.49 -11.35
CA LEU A 89 8.90 3.00 -12.44
C LEU A 89 7.64 3.81 -12.69
N GLU A 90 6.95 4.15 -11.62
CA GLU A 90 5.79 4.97 -11.67
C GLU A 90 6.12 6.35 -12.22
N ASN A 91 7.18 6.85 -11.87
CA ASN A 91 7.62 8.04 -12.51
C ASN A 91 7.95 7.84 -14.00
N ALA A 92 8.62 7.04 -14.46
CA ALA A 92 8.78 6.76 -15.89
C ALA A 92 7.59 6.24 -16.68
N CYS A 93 6.84 5.33 -16.08
N CYS A 93 6.78 5.43 -16.01
CA CYS A 93 5.78 4.63 -16.73
CA CYS A 93 5.71 4.75 -16.71
C CYS A 93 4.59 4.44 -15.80
C CYS A 93 4.63 4.47 -15.71
N PRO A 94 3.82 5.48 -15.61
CA PRO A 94 2.79 5.45 -14.57
C PRO A 94 1.73 4.41 -14.80
N GLY A 95 1.44 3.68 -13.74
CA GLY A 95 0.39 2.69 -13.76
C GLY A 95 0.66 1.42 -14.51
N VAL A 96 1.89 1.22 -14.93
CA VAL A 96 2.22 0.10 -15.76
C VAL A 96 2.80 -1.13 -15.12
N VAL A 97 3.85 -0.99 -14.36
CA VAL A 97 4.54 -2.16 -13.86
C VAL A 97 4.03 -2.67 -12.53
N SER A 98 3.60 -3.92 -12.50
CA SER A 98 3.14 -4.58 -11.30
C SER A 98 4.20 -4.77 -10.22
N CYS A 99 3.80 -4.74 -8.97
N CYS A 99 3.84 -4.71 -8.93
CA CYS A 99 4.67 -5.03 -7.87
CA CYS A 99 4.70 -5.09 -7.78
C CYS A 99 5.20 -6.45 -7.98
C CYS A 99 5.20 -6.52 -7.85
N THR A 100 4.40 -7.37 -8.48
CA THR A 100 4.76 -8.76 -8.62
C THR A 100 5.93 -8.91 -9.59
N ASP A 101 5.83 -8.19 -10.69
CA ASP A 101 6.89 -8.06 -11.64
C ASP A 101 8.13 -7.33 -11.08
N VAL A 102 7.91 -6.36 -10.23
CA VAL A 102 9.00 -5.63 -9.68
C VAL A 102 9.89 -6.62 -8.93
N LEU A 103 9.27 -7.51 -8.18
CA LEU A 103 10.01 -8.48 -7.39
C LEU A 103 10.81 -9.43 -8.25
N ALA A 104 10.23 -9.88 -9.35
CA ALA A 104 10.92 -10.73 -10.29
C ALA A 104 12.13 -10.06 -10.94
N LEU A 105 11.93 -8.83 -11.38
CA LEU A 105 12.95 -7.99 -11.96
C LEU A 105 14.06 -7.68 -10.99
N ALA A 106 13.70 -7.32 -9.77
CA ALA A 106 14.67 -7.03 -8.74
C ALA A 106 15.52 -8.24 -8.36
N SER A 107 14.97 -9.41 -8.45
CA SER A 107 15.69 -10.61 -8.14
C SER A 107 16.85 -10.80 -9.08
N GLN A 108 16.62 -10.64 -10.37
CA GLN A 108 17.62 -10.75 -11.41
C GLN A 108 18.70 -9.67 -11.30
N ALA A 109 18.27 -8.45 -11.02
CA ALA A 109 19.19 -7.37 -10.79
C ALA A 109 20.10 -7.64 -9.62
N SER A 110 19.54 -8.16 -8.56
CA SER A 110 20.29 -8.44 -7.37
C SER A 110 21.38 -9.49 -7.57
N VAL A 111 21.05 -10.56 -8.24
CA VAL A 111 22.03 -11.56 -8.56
C VAL A 111 23.11 -11.08 -9.54
N SER A 112 22.69 -10.42 -10.58
CA SER A 112 23.61 -9.94 -11.58
C SER A 112 24.58 -8.92 -10.98
N LEU A 113 24.07 -8.03 -10.15
CA LEU A 113 24.87 -6.99 -9.52
C LEU A 113 25.83 -7.55 -8.49
N SER A 114 25.65 -8.78 -8.10
CA SER A 114 26.44 -9.42 -7.09
C SER A 114 27.48 -10.37 -7.69
N GLY A 115 27.63 -10.28 -8.99
CA GLY A 115 28.52 -11.11 -9.74
C GLY A 115 27.97 -12.40 -10.32
N GLY A 116 26.68 -12.57 -10.22
CA GLY A 116 25.97 -13.72 -10.68
C GLY A 116 25.54 -13.65 -12.13
N PRO A 117 24.82 -14.65 -12.56
CA PRO A 117 24.26 -14.68 -13.89
C PRO A 117 23.04 -13.76 -14.09
N SER A 118 22.77 -13.41 -15.32
CA SER A 118 21.58 -12.73 -15.73
C SER A 118 20.65 -13.73 -16.38
N TRP A 119 19.36 -13.48 -16.34
CA TRP A 119 18.40 -14.27 -17.07
C TRP A 119 17.27 -13.41 -17.56
N THR A 120 16.50 -13.95 -18.48
CA THR A 120 15.43 -13.22 -19.09
C THR A 120 14.22 -13.40 -18.23
N VAL A 121 13.92 -12.36 -17.49
CA VAL A 121 12.77 -12.32 -16.65
C VAL A 121 11.49 -12.34 -17.48
N ASP A 122 10.60 -13.23 -17.14
CA ASP A 122 9.27 -13.28 -17.69
C ASP A 122 8.35 -12.35 -16.91
N LEU A 123 7.48 -11.67 -17.63
CA LEU A 123 6.67 -10.61 -17.12
C LEU A 123 5.19 -10.69 -17.51
N GLY A 124 4.40 -9.86 -16.87
CA GLY A 124 2.97 -9.89 -16.99
C GLY A 124 2.18 -10.30 -15.75
N ARG A 125 2.86 -10.47 -14.65
CA ARG A 125 2.16 -10.80 -13.42
C ARG A 125 1.31 -9.63 -12.94
N ARG A 126 0.27 -9.95 -12.21
CA ARG A 126 -0.61 -8.97 -11.65
C ARG A 126 -0.78 -9.12 -10.15
N ASP A 127 -1.10 -8.02 -9.51
CA ASP A 127 -1.05 -7.90 -8.08
C ASP A 127 -2.34 -8.33 -7.36
N THR A 128 -2.19 -9.13 -6.35
CA THR A 128 -3.29 -9.61 -5.57
C THR A 128 -4.03 -8.51 -4.78
N LEU A 129 -5.31 -8.73 -4.50
CA LEU A 129 -6.07 -7.92 -3.60
C LEU A 129 -6.12 -8.47 -2.20
N THR A 130 -5.49 -9.62 -2.00
CA THR A 130 -5.48 -10.27 -0.72
C THR A 130 -4.13 -10.81 -0.30
N ALA A 131 -3.98 -11.04 0.98
CA ALA A 131 -2.81 -11.66 1.56
C ALA A 131 -3.16 -13.03 2.14
N ASN A 132 -2.19 -13.90 2.30
CA ASN A 132 -2.43 -15.21 2.91
C ASN A 132 -1.44 -15.60 3.97
N GLN A 133 -1.60 -15.04 5.14
CA GLN A 133 -0.68 -15.22 6.23
C GLN A 133 -0.62 -16.68 6.65
N ALA A 134 -1.77 -17.31 6.68
CA ALA A 134 -1.88 -18.71 7.01
C ALA A 134 -1.12 -19.55 6.02
N GLY A 135 -1.21 -19.24 4.75
CA GLY A 135 -0.42 -19.90 3.74
C GLY A 135 1.08 -19.75 3.86
N ALA A 136 1.50 -18.58 4.28
CA ALA A 136 2.88 -18.31 4.57
C ALA A 136 3.41 -19.18 5.72
N ASN A 137 2.62 -19.37 6.74
CA ASN A 137 2.95 -20.25 7.82
C ASN A 137 3.12 -21.70 7.39
N SER A 138 2.34 -22.17 6.45
CA SER A 138 2.40 -23.56 6.08
C SER A 138 3.16 -23.93 4.81
N SER A 139 3.04 -23.12 3.80
CA SER A 139 3.68 -23.34 2.53
C SER A 139 5.19 -23.14 2.39
N ILE A 140 5.71 -22.17 3.10
CA ILE A 140 7.10 -21.82 3.00
C ILE A 140 7.94 -22.80 3.81
N PRO A 141 9.01 -23.31 3.23
CA PRO A 141 9.86 -24.29 3.91
C PRO A 141 10.51 -23.74 5.17
N SER A 142 10.65 -24.59 6.16
CA SER A 142 11.38 -24.28 7.37
C SER A 142 12.73 -24.98 7.37
N PRO A 143 13.74 -24.31 7.91
CA PRO A 143 15.10 -24.82 7.93
C PRO A 143 15.26 -26.11 8.77
N THR A 144 14.33 -26.38 9.65
CA THR A 144 14.47 -27.48 10.57
C THR A 144 13.50 -28.61 10.34
N GLN A 145 12.71 -28.56 9.28
CA GLN A 145 11.68 -29.56 9.02
C GLN A 145 12.12 -30.77 8.24
N GLY A 146 13.33 -30.72 7.75
CA GLY A 146 13.94 -31.84 7.11
C GLY A 146 13.76 -31.91 5.62
N LEU A 147 14.71 -32.54 4.97
CA LEU A 147 14.79 -32.53 3.54
C LEU A 147 13.57 -33.11 2.82
N SER A 148 13.01 -34.18 3.34
CA SER A 148 11.87 -34.75 2.72
C SER A 148 10.67 -33.78 2.69
N ASN A 149 10.37 -33.12 3.79
CA ASN A 149 9.33 -32.15 3.87
C ASN A 149 9.62 -30.93 2.97
N ILE A 150 10.85 -30.50 2.99
CA ILE A 150 11.23 -29.39 2.15
C ILE A 150 11.06 -29.69 0.66
N THR A 151 11.49 -30.89 0.25
CA THR A 151 11.33 -31.34 -1.10
C THR A 151 9.85 -31.42 -1.48
N SER A 152 9.00 -31.90 -0.59
CA SER A 152 7.58 -31.90 -0.84
C SER A 152 6.97 -30.50 -1.04
N LYS A 153 7.42 -29.56 -0.27
CA LYS A 153 6.99 -28.19 -0.40
C LYS A 153 7.35 -27.59 -1.75
N PHE A 154 8.52 -27.92 -2.26
CA PHE A 154 8.92 -27.52 -3.60
C PHE A 154 8.08 -28.18 -4.70
N SER A 155 7.81 -29.47 -4.55
CA SER A 155 7.01 -30.23 -5.47
C SER A 155 5.63 -29.63 -5.55
N ALA A 156 5.18 -29.19 -4.42
CA ALA A 156 3.88 -28.69 -4.21
C ALA A 156 3.63 -27.45 -5.06
N VAL A 157 4.68 -26.72 -5.37
CA VAL A 157 4.60 -25.59 -6.26
C VAL A 157 5.24 -25.85 -7.60
N GLY A 158 5.45 -27.10 -7.91
CA GLY A 158 5.93 -27.48 -9.21
C GLY A 158 7.43 -27.46 -9.41
N LEU A 159 8.19 -27.36 -8.35
CA LEU A 159 9.62 -27.32 -8.41
C LEU A 159 10.24 -28.65 -7.98
N ASN A 160 11.09 -29.20 -8.80
CA ASN A 160 11.71 -30.44 -8.51
C ASN A 160 13.03 -30.39 -7.73
N THR A 161 13.65 -31.54 -7.56
CA THR A 161 14.87 -31.63 -6.82
C THR A 161 15.99 -30.78 -7.43
N ASN A 162 16.07 -30.72 -8.74
CA ASN A 162 17.05 -29.91 -9.39
C ASN A 162 16.81 -28.47 -9.03
N ASP A 163 15.57 -28.07 -9.05
CA ASP A 163 15.20 -26.74 -8.67
C ASP A 163 15.57 -26.47 -7.23
N LEU A 164 15.33 -27.42 -6.36
CA LEU A 164 15.59 -27.24 -4.97
C LEU A 164 17.08 -26.99 -4.71
N VAL A 165 17.95 -27.81 -5.26
CA VAL A 165 19.35 -27.62 -5.04
C VAL A 165 19.93 -26.31 -5.61
N ALA A 166 19.57 -25.98 -6.83
CA ALA A 166 20.00 -24.74 -7.45
C ALA A 166 19.50 -23.50 -6.73
N LEU A 167 18.23 -23.49 -6.42
CA LEU A 167 17.64 -22.41 -5.69
C LEU A 167 18.19 -22.23 -4.30
N SER A 168 18.59 -23.30 -3.65
CA SER A 168 19.20 -23.26 -2.32
C SER A 168 20.53 -22.48 -2.41
N GLY A 169 21.05 -22.42 -3.61
CA GLY A 169 22.24 -21.68 -3.91
C GLY A 169 22.14 -20.16 -3.72
N ALA A 170 20.95 -19.66 -3.46
CA ALA A 170 20.74 -18.28 -3.17
C ALA A 170 21.35 -17.90 -1.83
N HIS A 171 21.70 -18.91 -1.06
CA HIS A 171 22.31 -18.77 0.24
C HIS A 171 23.79 -18.52 0.12
N THR A 172 24.23 -18.30 -1.11
CA THR A 172 25.56 -17.87 -1.45
C THR A 172 25.81 -16.46 -1.02
N PHE A 173 24.75 -15.74 -0.71
CA PHE A 173 24.83 -14.43 -0.09
C PHE A 173 23.77 -14.22 0.98
N GLY A 174 23.88 -13.12 1.69
CA GLY A 174 22.90 -12.77 2.68
C GLY A 174 23.18 -13.29 4.06
N ARG A 175 22.23 -13.11 4.95
CA ARG A 175 22.42 -13.33 6.36
C ARG A 175 21.38 -14.22 7.03
N ALA A 176 21.72 -14.70 8.20
CA ALA A 176 20.82 -15.44 9.05
C ALA A 176 20.96 -15.11 10.53
N THR A 177 19.85 -15.07 11.23
CA THR A 177 19.79 -14.84 12.67
C THR A 177 20.00 -16.14 13.46
N CYS A 178 20.58 -15.99 14.62
N CYS A 178 20.58 -15.82 14.62
CA CYS A 178 20.89 -17.09 15.52
CA CYS A 178 20.85 -16.86 15.61
C CYS A 178 19.77 -18.13 15.62
C CYS A 178 19.82 -17.97 15.51
N GLY A 179 18.55 -17.69 15.85
CA GLY A 179 17.43 -18.56 16.05
C GLY A 179 17.10 -19.57 14.97
N VAL A 180 17.48 -19.28 13.75
CA VAL A 180 17.16 -20.18 12.66
C VAL A 180 18.10 -21.36 12.58
N PHE A 181 19.29 -21.22 13.15
CA PHE A 181 20.30 -22.29 13.19
C PHE A 181 20.80 -22.78 14.58
N SER A 182 20.34 -22.16 15.65
CA SER A 182 20.82 -22.45 16.99
C SER A 182 20.49 -23.86 17.48
N ASN A 183 19.51 -24.49 16.87
CA ASN A 183 19.16 -25.84 17.19
C ASN A 183 20.33 -26.80 16.95
N ARG A 184 21.20 -26.45 16.02
CA ARG A 184 22.41 -27.18 15.67
C ARG A 184 23.54 -27.14 16.70
N LEU A 185 23.55 -26.06 17.44
CA LEU A 185 24.62 -25.67 18.32
C LEU A 185 24.93 -26.42 19.58
N PHE A 186 23.89 -26.85 20.27
CA PHE A 186 24.04 -27.46 21.58
C PHE A 186 23.37 -28.82 21.78
N ASN A 187 22.07 -28.91 21.55
CA ASN A 187 21.32 -30.16 21.68
C ASN A 187 20.56 -30.39 20.39
N PHE A 188 21.21 -30.95 19.40
CA PHE A 188 20.59 -31.13 18.11
C PHE A 188 19.70 -32.36 18.07
N SER A 189 18.46 -32.15 17.70
CA SER A 189 17.53 -33.21 17.51
C SER A 189 17.43 -34.11 18.74
N GLY A 190 17.58 -33.50 19.91
CA GLY A 190 17.42 -34.15 21.20
C GLY A 190 18.57 -35.05 21.62
N LYS A 191 19.64 -35.00 20.86
CA LYS A 191 20.78 -35.84 21.05
C LYS A 191 21.63 -35.40 22.23
N GLY A 192 21.51 -34.17 22.62
CA GLY A 192 22.33 -33.60 23.66
C GLY A 192 23.67 -33.10 23.18
N ASN A 193 23.89 -33.17 21.89
CA ASN A 193 25.14 -32.79 21.28
C ASN A 193 24.91 -31.95 20.05
N PRO A 194 25.91 -31.25 19.59
CA PRO A 194 25.76 -30.43 18.41
C PRO A 194 25.56 -31.30 17.18
N ASP A 195 25.01 -30.73 16.14
CA ASP A 195 24.85 -31.45 14.91
C ASP A 195 26.25 -31.84 14.45
N PRO A 196 26.47 -33.13 14.30
CA PRO A 196 27.76 -33.66 13.87
C PRO A 196 28.18 -33.25 12.45
N THR A 197 27.25 -32.85 11.63
CA THR A 197 27.53 -32.42 10.29
C THR A 197 27.98 -30.94 10.21
N LEU A 198 27.98 -30.25 11.34
CA LEU A 198 28.43 -28.89 11.43
C LEU A 198 29.93 -28.85 11.71
N ASN A 199 30.67 -28.23 10.82
CA ASN A 199 32.11 -28.13 10.92
C ASN A 199 32.41 -27.48 12.26
N THR A 200 33.26 -28.13 13.05
CA THR A 200 33.51 -27.77 14.42
C THR A 200 34.13 -26.40 14.58
N THR A 201 34.85 -25.98 13.57
CA THR A 201 35.39 -24.65 13.49
C THR A 201 34.26 -23.62 13.41
N LEU A 202 33.33 -23.84 12.53
CA LEU A 202 32.16 -23.00 12.45
C LEU A 202 31.36 -23.09 13.72
N LEU A 203 31.26 -24.28 14.28
CA LEU A 203 30.42 -24.53 15.42
C LEU A 203 30.85 -23.66 16.57
N SER A 204 32.14 -23.60 16.76
CA SER A 204 32.71 -22.87 17.85
C SER A 204 32.43 -21.38 17.78
N THR A 205 32.60 -20.79 16.63
CA THR A 205 32.26 -19.39 16.48
C THR A 205 30.75 -19.09 16.64
N LEU A 206 29.91 -19.95 16.09
CA LEU A 206 28.48 -19.82 16.19
C LEU A 206 28.02 -19.95 17.63
N GLN A 207 28.67 -20.80 18.37
CA GLN A 207 28.38 -20.98 19.77
C GLN A 207 28.64 -19.69 20.55
N GLU A 208 29.74 -19.04 20.25
CA GLU A 208 30.03 -17.75 20.84
C GLU A 208 29.07 -16.68 20.43
N LEU A 209 28.70 -16.69 19.16
CA LEU A 209 27.76 -15.73 18.61
C LEU A 209 26.37 -15.88 19.21
N CYS A 210 25.97 -17.11 19.49
CA CYS A 210 24.63 -17.44 19.85
C CYS A 210 24.61 -18.27 21.10
N PRO A 211 24.94 -17.69 22.24
CA PRO A 211 25.05 -18.45 23.45
C PRO A 211 23.72 -19.04 23.82
N GLN A 212 23.75 -20.22 24.38
CA GLN A 212 22.58 -21.05 24.60
C GLN A 212 21.46 -20.41 25.42
N LYS A 213 21.77 -19.61 26.42
CA LYS A 213 20.75 -18.90 27.15
C LYS A 213 20.71 -17.44 26.80
N GLY A 214 21.22 -17.12 25.63
CA GLY A 214 21.27 -15.78 25.12
C GLY A 214 20.00 -15.23 24.52
N ARG A 215 19.98 -13.96 24.24
CA ARG A 215 18.80 -13.42 23.64
C ARG A 215 18.61 -13.77 22.17
N GLY A 216 19.66 -14.23 21.50
CA GLY A 216 19.49 -14.55 20.11
C GLY A 216 19.54 -13.43 19.11
N SER A 217 20.21 -12.35 19.45
CA SER A 217 20.31 -11.20 18.62
C SER A 217 21.37 -11.29 17.49
N GLY A 218 22.26 -12.24 17.63
CA GLY A 218 23.35 -12.40 16.71
C GLY A 218 22.94 -12.72 15.33
N SER A 219 23.68 -12.20 14.39
CA SER A 219 23.44 -12.42 13.00
C SER A 219 24.76 -12.78 12.33
N THR A 220 24.72 -13.59 11.28
CA THR A 220 25.91 -14.04 10.57
C THR A 220 25.64 -14.30 9.07
N ASN A 221 26.68 -14.62 8.33
CA ASN A 221 26.59 -14.89 6.91
C ASN A 221 26.12 -16.30 6.57
N LEU A 222 25.25 -16.39 5.58
CA LEU A 222 24.88 -17.65 5.02
C LEU A 222 26.07 -18.34 4.34
N ASP A 223 26.90 -17.58 3.66
CA ASP A 223 28.10 -18.08 3.05
C ASP A 223 29.35 -17.47 3.71
N LEU A 224 29.99 -18.26 4.53
CA LEU A 224 31.20 -17.88 5.23
C LEU A 224 32.42 -17.65 4.35
N SER A 225 32.38 -18.17 3.14
CA SER A 225 33.44 -18.07 2.17
C SER A 225 33.42 -16.73 1.46
N THR A 226 32.32 -16.43 0.79
CA THR A 226 32.12 -15.16 0.14
C THR A 226 30.73 -14.60 0.52
N PRO A 227 30.61 -13.93 1.66
CA PRO A 227 29.29 -13.55 2.14
C PRO A 227 28.46 -12.68 1.21
N ASP A 228 29.09 -11.96 0.30
CA ASP A 228 28.34 -11.07 -0.56
C ASP A 228 28.34 -11.42 -2.07
N ALA A 229 29.36 -12.10 -2.54
CA ALA A 229 29.43 -12.47 -3.94
C ALA A 229 28.47 -13.63 -4.31
N PHE A 230 27.82 -13.56 -5.46
CA PHE A 230 26.97 -14.62 -5.93
C PHE A 230 27.80 -15.59 -6.72
N ASP A 231 28.05 -16.72 -6.12
CA ASP A 231 28.98 -17.70 -6.65
C ASP A 231 28.60 -19.12 -6.13
N ASN A 232 29.34 -20.12 -6.55
CA ASN A 232 29.08 -21.50 -6.21
C ASN A 232 29.71 -21.94 -4.90
N ASN A 233 30.29 -20.99 -4.17
CA ASN A 233 31.00 -21.28 -2.93
C ASN A 233 30.03 -21.90 -1.90
N TYR A 234 28.75 -21.63 -2.05
CA TYR A 234 27.76 -22.20 -1.17
C TYR A 234 27.85 -23.72 -1.20
N PHE A 235 27.97 -24.27 -2.39
CA PHE A 235 28.13 -25.70 -2.63
C PHE A 235 29.46 -26.30 -2.14
N THR A 236 30.54 -25.61 -2.42
CA THR A 236 31.85 -25.96 -1.93
C THR A 236 31.87 -25.97 -0.40
N ASN A 237 31.13 -25.05 0.21
CA ASN A 237 31.02 -24.96 1.65
C ASN A 237 30.44 -26.25 2.19
N LEU A 238 29.42 -26.73 1.53
CA LEU A 238 28.72 -27.91 1.96
C LEU A 238 29.63 -29.13 2.00
N GLN A 239 30.56 -29.20 1.06
CA GLN A 239 31.51 -30.28 0.95
C GLN A 239 32.42 -30.31 2.16
N SER A 240 32.53 -29.17 2.81
CA SER A 240 33.33 -28.99 4.01
C SER A 240 32.50 -28.80 5.27
N ASN A 241 31.28 -29.26 5.22
CA ASN A 241 30.40 -29.25 6.37
C ASN A 241 30.14 -27.84 6.91
N ASN A 242 30.26 -26.86 6.04
CA ASN A 242 30.11 -25.49 6.39
C ASN A 242 28.80 -24.80 6.04
N GLY A 243 27.78 -25.55 5.66
CA GLY A 243 26.50 -24.97 5.40
C GLY A 243 25.94 -24.49 6.73
N LEU A 244 25.33 -23.33 6.72
CA LEU A 244 24.80 -22.74 7.91
C LEU A 244 23.50 -23.30 8.51
N LEU A 245 22.48 -23.36 7.67
CA LEU A 245 21.20 -23.87 8.03
C LEU A 245 21.19 -25.40 8.02
N GLN A 246 20.37 -26.00 8.85
CA GLN A 246 20.26 -27.43 8.86
C GLN A 246 19.85 -27.88 7.44
N SER A 247 18.96 -27.11 6.84
CA SER A 247 18.49 -27.33 5.50
C SER A 247 19.59 -27.23 4.45
N ASP A 248 20.57 -26.37 4.63
CA ASP A 248 21.68 -26.30 3.72
C ASP A 248 22.56 -27.55 3.71
N GLN A 249 23.05 -27.91 4.87
CA GLN A 249 23.93 -29.06 5.01
C GLN A 249 23.25 -30.39 4.63
N GLU A 250 21.98 -30.48 4.88
CA GLU A 250 21.24 -31.69 4.59
C GLU A 250 21.34 -32.03 3.12
N LEU A 251 21.53 -31.05 2.28
CA LEU A 251 21.65 -31.25 0.85
C LEU A 251 22.87 -32.13 0.51
N PHE A 252 23.94 -32.00 1.27
CA PHE A 252 25.13 -32.81 1.07
C PHE A 252 25.26 -34.01 2.02
N SER A 253 24.80 -33.86 3.25
N SER A 253 24.78 -33.85 3.23
CA SER A 253 25.10 -34.86 4.27
CA SER A 253 25.07 -34.83 4.29
C SER A 253 24.01 -35.92 4.42
C SER A 253 24.03 -35.94 4.39
N THR A 254 22.90 -35.77 3.71
CA THR A 254 21.82 -36.73 3.85
C THR A 254 22.15 -37.98 3.05
N THR A 255 22.56 -39.02 3.73
CA THR A 255 22.90 -40.28 3.08
C THR A 255 21.88 -40.76 2.06
N GLY A 256 22.32 -41.06 0.87
CA GLY A 256 21.47 -41.51 -0.19
C GLY A 256 20.54 -40.52 -0.88
N SER A 257 20.67 -39.23 -0.62
CA SER A 257 19.88 -38.21 -1.27
C SER A 257 20.38 -37.90 -2.66
N ALA A 258 19.49 -37.77 -3.60
CA ALA A 258 19.86 -37.41 -4.96
C ALA A 258 20.49 -36.01 -5.04
N THR A 259 20.28 -35.24 -4.02
CA THR A 259 20.84 -33.91 -3.92
C THR A 259 22.35 -33.86 -3.85
N ILE A 260 22.96 -34.91 -3.32
CA ILE A 260 24.37 -34.90 -3.12
C ILE A 260 25.18 -34.74 -4.41
N ALA A 261 24.85 -35.52 -5.42
CA ALA A 261 25.48 -35.41 -6.74
C ALA A 261 25.30 -34.04 -7.43
N ILE A 262 24.14 -33.46 -7.24
CA ILE A 262 23.89 -32.14 -7.77
C ILE A 262 24.74 -31.06 -7.13
N VAL A 263 24.85 -31.11 -5.82
CA VAL A 263 25.70 -30.21 -5.11
C VAL A 263 27.13 -30.38 -5.58
N THR A 264 27.58 -31.60 -5.72
CA THR A 264 28.91 -31.86 -6.16
C THR A 264 29.08 -31.29 -7.55
N SER A 265 28.11 -31.44 -8.40
CA SER A 265 28.18 -30.90 -9.74
C SER A 265 28.27 -29.37 -9.80
N PHE A 266 27.49 -28.70 -8.98
CA PHE A 266 27.54 -27.28 -8.81
C PHE A 266 28.86 -26.83 -8.20
N ALA A 267 29.36 -27.60 -7.26
CA ALA A 267 30.62 -27.29 -6.64
C ALA A 267 31.77 -27.36 -7.66
N SER A 268 31.73 -28.33 -8.53
CA SER A 268 32.68 -28.47 -9.61
C SER A 268 32.59 -27.46 -10.73
N ASN A 269 31.40 -27.05 -11.05
CA ASN A 269 31.14 -26.24 -12.22
C ASN A 269 30.21 -25.08 -11.95
N GLN A 270 30.78 -23.92 -11.68
CA GLN A 270 30.03 -22.75 -11.35
C GLN A 270 29.11 -22.32 -12.50
N THR A 271 29.59 -22.52 -13.71
CA THR A 271 28.82 -22.20 -14.84
C THR A 271 27.55 -23.02 -14.90
N LEU A 272 27.67 -24.27 -14.55
CA LEU A 272 26.55 -25.15 -14.55
C LEU A 272 25.57 -24.65 -13.53
N PHE A 273 26.07 -24.30 -12.35
CA PHE A 273 25.20 -23.80 -11.31
C PHE A 273 24.48 -22.54 -11.75
N PHE A 274 25.20 -21.62 -12.35
CA PHE A 274 24.61 -20.41 -12.84
C PHE A 274 23.50 -20.66 -13.85
N GLN A 275 23.73 -21.55 -14.80
CA GLN A 275 22.74 -21.90 -15.81
C GLN A 275 21.50 -22.55 -15.20
N ALA A 276 21.69 -23.47 -14.29
CA ALA A 276 20.62 -24.05 -13.55
C ALA A 276 19.85 -23.07 -12.65
N PHE A 277 20.57 -22.16 -12.02
CA PHE A 277 19.95 -21.16 -11.16
C PHE A 277 19.01 -20.27 -11.96
N ALA A 278 19.43 -19.84 -13.12
CA ALA A 278 18.63 -19.01 -13.98
C ALA A 278 17.35 -19.68 -14.42
N GLN A 279 17.46 -20.92 -14.86
CA GLN A 279 16.30 -21.66 -15.24
C GLN A 279 15.36 -21.87 -14.09
N SER A 280 15.89 -22.20 -12.94
CA SER A 280 15.07 -22.39 -11.75
C SER A 280 14.33 -21.13 -11.28
N MET A 281 14.98 -20.00 -11.43
CA MET A 281 14.40 -18.72 -11.10
C MET A 281 13.20 -18.41 -11.96
N ILE A 282 13.33 -18.72 -13.24
CA ILE A 282 12.25 -18.63 -14.17
C ILE A 282 11.11 -19.59 -13.79
N ASN A 283 11.46 -20.81 -13.44
CA ASN A 283 10.46 -21.76 -13.01
C ASN A 283 9.67 -21.27 -11.76
N MET A 284 10.35 -20.79 -10.75
CA MET A 284 9.74 -20.23 -9.55
C MET A 284 8.85 -19.03 -9.88
N GLY A 285 9.31 -18.19 -10.77
CA GLY A 285 8.62 -17.04 -11.24
C GLY A 285 7.35 -17.33 -12.00
N ASN A 286 7.14 -18.59 -12.37
CA ASN A 286 6.00 -19.00 -13.13
C ASN A 286 4.92 -19.58 -12.27
N ILE A 287 5.02 -19.49 -10.97
CA ILE A 287 4.07 -20.16 -10.10
C ILE A 287 2.80 -19.34 -9.98
N SER A 288 1.70 -19.87 -10.46
CA SER A 288 0.36 -19.31 -10.22
C SER A 288 0.19 -17.80 -10.36
N PRO A 289 0.60 -17.23 -11.45
CA PRO A 289 0.43 -15.80 -11.66
C PRO A 289 -1.04 -15.41 -11.84
N LEU A 290 -1.39 -14.23 -11.41
CA LEU A 290 -2.55 -13.51 -11.84
C LEU A 290 -2.22 -12.79 -13.13
N THR A 291 -3.07 -12.95 -14.13
CA THR A 291 -2.83 -12.37 -15.42
C THR A 291 -4.05 -11.74 -16.15
N GLY A 292 -3.78 -11.11 -17.25
CA GLY A 292 -4.81 -10.44 -17.99
C GLY A 292 -5.43 -9.31 -17.22
N SER A 293 -6.70 -9.43 -16.89
CA SER A 293 -7.36 -8.47 -16.06
C SER A 293 -7.63 -8.91 -14.64
N SER A 294 -7.25 -10.12 -14.30
CA SER A 294 -7.28 -10.56 -12.92
C SER A 294 -6.24 -9.78 -12.10
N GLY A 295 -6.55 -9.47 -10.88
CA GLY A 295 -5.64 -8.71 -10.08
C GLY A 295 -5.58 -7.29 -10.55
N GLU A 296 -4.58 -6.55 -10.14
CA GLU A 296 -4.39 -5.16 -10.50
C GLU A 296 -2.95 -4.75 -10.62
N ILE A 297 -2.69 -3.59 -11.14
CA ILE A 297 -1.37 -2.99 -11.02
C ILE A 297 -1.43 -2.07 -9.83
N ARG A 298 -0.81 -2.48 -8.74
CA ARG A 298 -0.77 -1.66 -7.56
C ARG A 298 -0.01 -0.37 -7.81
N LEU A 299 -0.57 0.75 -7.45
CA LEU A 299 0.19 1.99 -7.44
C LEU A 299 1.25 2.14 -6.35
N ASP A 300 0.94 1.61 -5.18
CA ASP A 300 1.79 1.56 -4.03
C ASP A 300 1.79 0.11 -3.62
N CYS A 301 2.95 -0.51 -3.57
N CYS A 301 2.90 -0.63 -3.51
CA CYS A 301 3.08 -1.94 -3.34
CA CYS A 301 2.80 -2.08 -3.34
C CYS A 301 2.54 -2.40 -1.96
C CYS A 301 2.24 -2.39 -1.96
N LYS A 302 2.55 -1.50 -1.01
CA LYS A 302 2.06 -1.76 0.34
C LYS A 302 0.55 -1.93 0.45
N LYS A 303 -0.17 -1.44 -0.54
CA LYS A 303 -1.60 -1.24 -0.45
C LYS A 303 -2.37 -1.62 -1.70
N THR A 304 -3.58 -2.12 -1.52
CA THR A 304 -4.44 -2.29 -2.65
C THR A 304 -4.93 -0.91 -3.14
N ASN A 305 -5.19 -0.81 -4.40
CA ASN A 305 -5.60 0.44 -4.97
C ASN A 305 -6.90 0.92 -4.32
N GLY A 306 -6.97 2.19 -3.96
CA GLY A 306 -8.09 2.71 -3.26
C GLY A 306 -7.97 2.70 -1.76
N SER A 307 -6.93 2.09 -1.27
CA SER A 307 -6.59 2.10 0.13
C SER A 307 -5.47 3.09 0.52
N GLY A 308 -4.90 3.82 -0.42
CA GLY A 308 -3.96 4.87 -0.05
C GLY A 308 -3.23 5.80 -1.01
N GLY B 1 -40.89 15.56 4.15
CA GLY B 1 -40.90 15.54 2.71
C GLY B 1 -40.47 14.17 2.29
N GLY B 2 -39.47 14.05 1.45
CA GLY B 2 -38.83 12.77 1.24
C GLY B 2 -37.61 13.05 2.02
N SER B 3 -37.66 12.55 3.27
CA SER B 3 -36.99 13.13 4.43
C SER B 3 -36.12 12.20 5.25
N LEU B 4 -34.86 12.54 5.30
CA LEU B 4 -33.93 11.81 6.08
C LEU B 4 -34.14 12.23 7.49
N ASN B 5 -33.84 11.34 8.40
CA ASN B 5 -33.97 11.63 9.82
C ASN B 5 -32.92 10.91 10.68
N ALA B 6 -32.76 11.39 11.90
CA ALA B 6 -31.78 10.87 12.84
C ALA B 6 -32.04 9.45 13.34
N THR B 7 -33.29 9.07 13.45
CA THR B 7 -33.65 7.81 14.00
C THR B 7 -34.05 6.75 13.02
N PHE B 8 -33.60 6.87 11.79
CA PHE B 8 -34.12 6.04 10.74
C PHE B 8 -33.93 4.57 11.06
N TYR B 9 -32.82 4.21 11.65
CA TYR B 9 -32.45 2.83 11.87
C TYR B 9 -32.79 2.33 13.27
N ALA B 10 -33.56 3.08 13.99
CA ALA B 10 -33.73 2.78 15.39
C ALA B 10 -34.34 1.40 15.63
N GLY B 11 -35.24 1.00 14.79
CA GLY B 11 -35.81 -0.31 14.85
C GLY B 11 -35.13 -1.41 14.07
N THR B 12 -34.23 -1.07 13.17
CA THR B 12 -33.58 -2.03 12.32
C THR B 12 -32.08 -2.22 12.53
N CYS B 13 -31.36 -1.18 12.84
CA CYS B 13 -30.00 -1.30 13.26
C CYS B 13 -29.67 -0.32 14.39
N PRO B 14 -30.08 -0.63 15.61
CA PRO B 14 -30.02 0.30 16.73
C PRO B 14 -28.63 0.83 17.08
N ASN B 15 -27.59 0.04 16.93
CA ASN B 15 -26.28 0.47 17.39
C ASN B 15 -25.38 1.00 16.26
N ALA B 16 -25.98 1.43 15.19
CA ALA B 16 -25.23 1.67 13.97
C ALA B 16 -24.15 2.72 14.10
N SER B 17 -24.47 3.82 14.74
CA SER B 17 -23.54 4.90 14.89
C SER B 17 -22.30 4.54 15.69
N ALA B 18 -22.51 3.89 16.82
CA ALA B 18 -21.41 3.44 17.65
C ALA B 18 -20.53 2.42 16.96
N MET B 19 -21.11 1.49 16.26
CA MET B 19 -20.33 0.50 15.56
C MET B 19 -19.44 1.15 14.52
N VAL B 20 -19.96 2.14 13.83
CA VAL B 20 -19.20 2.89 12.86
C VAL B 20 -18.03 3.63 13.51
N ARG B 21 -18.28 4.25 14.65
CA ARG B 21 -17.27 4.99 15.36
C ARG B 21 -16.11 4.09 15.80
N THR B 22 -16.42 2.90 16.27
CA THR B 22 -15.43 1.95 16.66
C THR B 22 -14.56 1.54 15.48
N ILE B 23 -15.15 1.30 14.32
CA ILE B 23 -14.37 0.91 13.17
C ILE B 23 -13.45 2.02 12.74
N VAL B 24 -13.96 3.23 12.63
CA VAL B 24 -13.14 4.36 12.29
C VAL B 24 -11.98 4.59 13.29
N GLN B 25 -12.31 4.48 14.57
CA GLN B 25 -11.34 4.61 15.63
C GLN B 25 -10.20 3.59 15.48
N GLN B 26 -10.49 2.37 15.09
CA GLN B 26 -9.51 1.35 14.81
C GLN B 26 -8.63 1.69 13.64
N ALA B 27 -9.24 2.18 12.59
CA ALA B 27 -8.58 2.49 11.35
C ALA B 27 -7.50 3.56 11.56
N PHE B 28 -7.82 4.47 12.47
CA PHE B 28 -6.97 5.59 12.80
C PHE B 28 -5.65 5.09 13.34
N GLN B 29 -5.67 3.98 14.02
CA GLN B 29 -4.48 3.49 14.67
C GLN B 29 -3.36 3.22 13.67
N SER B 30 -3.71 2.71 12.51
CA SER B 30 -2.71 2.46 11.50
C SER B 30 -2.59 3.49 10.39
N ASP B 31 -3.53 4.41 10.31
CA ASP B 31 -3.52 5.42 9.28
C ASP B 31 -4.09 6.73 9.79
N SER B 32 -3.22 7.68 10.08
CA SER B 32 -3.59 8.95 10.66
C SER B 32 -4.51 9.73 9.71
N ARG B 33 -4.33 9.48 8.42
CA ARG B 33 -5.03 10.13 7.32
C ARG B 33 -6.49 9.74 7.12
N ILE B 34 -6.92 8.64 7.71
CA ILE B 34 -8.17 7.98 7.33
C ILE B 34 -9.45 8.80 7.54
N GLY B 35 -9.52 9.52 8.64
CA GLY B 35 -10.66 10.34 8.89
C GLY B 35 -10.85 11.41 7.82
N ALA B 36 -9.77 12.03 7.40
CA ALA B 36 -9.81 12.97 6.34
C ALA B 36 -10.26 12.33 5.04
N SER B 37 -9.71 11.17 4.72
CA SER B 37 -10.10 10.49 3.50
C SER B 37 -11.61 10.13 3.48
N LEU B 38 -12.15 9.67 4.58
CA LEU B 38 -13.53 9.29 4.65
C LEU B 38 -14.51 10.45 4.44
N ILE B 39 -14.23 11.56 5.08
CA ILE B 39 -15.09 12.72 4.94
C ILE B 39 -15.08 13.23 3.51
N ARG B 40 -13.93 13.19 2.86
CA ARG B 40 -13.83 13.60 1.47
C ARG B 40 -14.69 12.76 0.56
N LEU B 41 -14.78 11.48 0.85
CA LEU B 41 -15.58 10.54 0.09
C LEU B 41 -17.04 10.94 0.13
N HIS B 42 -17.51 11.38 1.28
CA HIS B 42 -18.84 11.88 1.44
C HIS B 42 -19.10 13.12 0.61
N PHE B 43 -18.15 14.03 0.56
CA PHE B 43 -18.24 15.26 -0.22
C PHE B 43 -18.34 14.91 -1.72
N HIS B 44 -17.45 14.06 -2.16
CA HIS B 44 -17.42 13.57 -3.52
C HIS B 44 -18.63 12.76 -3.92
N ASP B 45 -19.20 12.00 -3.01
CA ASP B 45 -20.46 11.34 -3.22
C ASP B 45 -21.54 12.37 -3.49
N CYS B 46 -21.71 13.27 -2.54
CA CYS B 46 -22.79 14.20 -2.48
C CYS B 46 -22.86 15.17 -3.65
N PHE B 47 -21.73 15.51 -4.20
CA PHE B 47 -21.67 16.47 -5.27
C PHE B 47 -21.90 15.85 -6.66
N VAL B 48 -22.12 14.55 -6.70
CA VAL B 48 -22.46 13.86 -7.93
C VAL B 48 -23.69 13.01 -7.79
N LEU B 49 -24.77 13.44 -8.38
CA LEU B 49 -26.03 12.76 -8.34
C LEU B 49 -26.49 12.54 -6.92
N GLY B 50 -26.12 13.41 -6.01
CA GLY B 50 -26.55 13.34 -4.63
C GLY B 50 -25.78 12.35 -3.79
N CYS B 51 -26.10 12.29 -2.51
CA CYS B 51 -25.42 11.41 -1.58
C CYS B 51 -26.03 10.02 -1.72
N ASP B 52 -25.56 9.31 -2.72
CA ASP B 52 -26.14 8.05 -3.10
C ASP B 52 -25.19 6.87 -3.18
N ALA B 53 -23.98 7.03 -2.68
CA ALA B 53 -22.93 6.02 -2.75
C ALA B 53 -22.49 5.70 -4.19
N SER B 54 -22.74 6.60 -5.10
CA SER B 54 -22.39 6.37 -6.48
C SER B 54 -20.89 6.22 -6.63
N ILE B 55 -20.14 6.98 -5.86
CA ILE B 55 -18.70 6.94 -5.87
C ILE B 55 -18.05 5.60 -5.46
N LEU B 56 -18.73 4.82 -4.66
CA LEU B 56 -18.24 3.54 -4.21
C LEU B 56 -18.20 2.42 -5.27
N LEU B 57 -18.99 2.54 -6.32
CA LEU B 57 -19.12 1.50 -7.30
C LEU B 57 -17.88 1.38 -8.15
N ASP B 58 -17.39 0.18 -8.28
CA ASP B 58 -16.29 -0.12 -9.14
C ASP B 58 -16.74 -0.19 -10.61
N ASN B 59 -15.82 -0.17 -11.56
CA ASN B 59 -16.17 -0.29 -12.97
C ASN B 59 -16.88 -1.60 -13.22
N SER B 60 -17.96 -1.56 -13.98
CA SER B 60 -18.63 -2.77 -14.44
C SER B 60 -19.31 -2.64 -15.80
N GLY B 61 -19.01 -3.57 -16.68
CA GLY B 61 -19.48 -3.53 -18.03
C GLY B 61 -19.05 -2.27 -18.72
N SER B 62 -19.98 -1.60 -19.32
CA SER B 62 -19.67 -0.35 -20.00
C SER B 62 -19.80 0.85 -19.10
N ILE B 63 -20.11 0.67 -17.84
CA ILE B 63 -20.21 1.79 -16.94
C ILE B 63 -18.96 2.06 -16.12
N ILE B 64 -18.29 3.14 -16.46
CA ILE B 64 -17.12 3.56 -15.77
C ILE B 64 -17.34 4.14 -14.38
N SER B 65 -16.48 3.75 -13.46
CA SER B 65 -16.47 4.18 -12.08
C SER B 65 -16.10 5.63 -11.92
N GLU B 66 -16.69 6.26 -10.92
CA GLU B 66 -16.36 7.60 -10.53
C GLU B 66 -14.91 7.68 -10.01
N LYS B 67 -14.41 6.55 -9.56
CA LYS B 67 -13.10 6.43 -8.97
C LYS B 67 -11.98 6.83 -9.93
N ASN B 68 -12.23 6.68 -11.21
CA ASN B 68 -11.31 7.03 -12.28
C ASN B 68 -11.49 8.45 -12.82
N ALA B 69 -12.45 9.19 -12.30
CA ALA B 69 -12.70 10.54 -12.73
C ALA B 69 -11.63 11.48 -12.22
N GLY B 70 -11.54 12.66 -12.80
CA GLY B 70 -10.42 13.49 -12.53
C GLY B 70 -10.17 13.88 -11.10
N PRO B 71 -11.14 14.28 -10.31
CA PRO B 71 -10.86 14.58 -8.89
C PRO B 71 -10.60 13.38 -8.04
N ASN B 72 -10.96 12.21 -8.51
CA ASN B 72 -10.84 10.99 -7.77
C ASN B 72 -9.63 10.16 -8.10
N ALA B 73 -9.15 10.20 -9.32
CA ALA B 73 -8.14 9.27 -9.76
C ALA B 73 -6.85 9.43 -8.98
N ASN B 74 -6.36 8.34 -8.40
CA ASN B 74 -5.10 8.34 -7.70
C ASN B 74 -5.15 9.38 -6.58
N SER B 75 -6.33 9.63 -6.04
CA SER B 75 -6.58 10.68 -5.08
C SER B 75 -7.51 10.25 -3.94
N ALA B 76 -8.72 9.92 -4.33
CA ALA B 76 -9.71 9.41 -3.43
C ALA B 76 -9.23 8.11 -2.86
N ARG B 77 -9.51 7.89 -1.60
CA ARG B 77 -9.03 6.74 -0.90
C ARG B 77 -9.87 6.41 0.36
N GLY B 78 -9.58 5.29 0.99
CA GLY B 78 -10.33 4.80 2.11
C GLY B 78 -11.46 3.87 1.81
N PHE B 79 -11.55 3.43 0.57
CA PHE B 79 -12.59 2.53 0.10
C PHE B 79 -12.58 1.20 0.85
N ASN B 80 -11.40 0.73 1.21
CA ASN B 80 -11.24 -0.47 2.00
C ASN B 80 -11.83 -0.37 3.38
N VAL B 81 -11.64 0.78 4.00
CA VAL B 81 -12.16 1.07 5.31
C VAL B 81 -13.67 1.16 5.29
N VAL B 82 -14.23 1.73 4.24
CA VAL B 82 -15.67 1.78 4.08
C VAL B 82 -16.22 0.35 4.03
N ASP B 83 -15.53 -0.52 3.34
CA ASP B 83 -15.88 -1.93 3.30
C ASP B 83 -15.83 -2.58 4.69
N ASN B 84 -14.85 -2.25 5.48
CA ASN B 84 -14.78 -2.76 6.82
C ASN B 84 -15.96 -2.32 7.69
N ILE B 85 -16.33 -1.07 7.53
CA ILE B 85 -17.48 -0.54 8.23
C ILE B 85 -18.77 -1.26 7.81
N LYS B 86 -18.93 -1.41 6.52
CA LYS B 86 -20.06 -2.10 5.96
C LYS B 86 -20.11 -3.56 6.42
N THR B 87 -18.97 -4.20 6.50
CA THR B 87 -18.90 -5.56 6.98
C THR B 87 -19.34 -5.67 8.43
N ALA B 88 -18.92 -4.78 9.29
CA ALA B 88 -19.35 -4.83 10.65
C ALA B 88 -20.87 -4.64 10.75
N LEU B 89 -21.41 -3.70 10.01
CA LEU B 89 -22.84 -3.46 9.99
C LEU B 89 -23.61 -4.62 9.41
N GLU B 90 -23.12 -5.18 8.32
CA GLU B 90 -23.73 -6.33 7.71
C GLU B 90 -23.70 -7.55 8.62
N ASN B 91 -22.84 -7.82 9.31
CA ASN B 91 -22.81 -8.78 10.37
C ASN B 91 -23.78 -8.41 11.54
N ALA B 92 -23.78 -7.45 12.02
CA ALA B 92 -24.80 -7.06 13.01
C ALA B 92 -26.26 -6.88 12.59
N CYS B 93 -26.47 -6.27 11.43
N CYS B 93 -26.62 -6.44 11.37
CA CYS B 93 -27.77 -5.92 10.91
CA CYS B 93 -28.02 -6.07 11.09
C CYS B 93 -27.86 -6.21 9.42
C CYS B 93 -28.56 -6.45 9.69
N PRO B 94 -27.96 -7.47 9.03
CA PRO B 94 -27.83 -7.81 7.62
C PRO B 94 -28.83 -7.09 6.74
N GLY B 95 -28.32 -6.48 5.70
CA GLY B 95 -29.12 -5.85 4.68
C GLY B 95 -29.83 -4.58 5.02
N VAL B 96 -29.42 -3.92 6.07
CA VAL B 96 -30.11 -2.76 6.52
C VAL B 96 -29.51 -1.40 6.21
N VAL B 97 -28.26 -1.23 6.53
CA VAL B 97 -27.67 0.07 6.50
C VAL B 97 -27.02 0.36 5.16
N SER B 98 -27.44 1.42 4.54
CA SER B 98 -26.96 1.76 3.22
C SER B 98 -25.53 2.21 3.19
N CYS B 99 -24.90 2.00 2.07
CA CYS B 99 -23.58 2.49 1.85
C CYS B 99 -23.57 4.02 1.91
N THR B 100 -24.63 4.63 1.40
CA THR B 100 -24.77 6.05 1.37
C THR B 100 -24.75 6.60 2.79
N ASP B 101 -25.48 5.96 3.66
CA ASP B 101 -25.54 6.27 5.07
C ASP B 101 -24.20 6.03 5.79
N VAL B 102 -23.48 5.00 5.39
CA VAL B 102 -22.19 4.68 5.96
C VAL B 102 -21.21 5.86 5.81
N LEU B 103 -21.17 6.46 4.64
CA LEU B 103 -20.31 7.61 4.39
C LEU B 103 -20.70 8.80 5.26
N ALA B 104 -21.99 9.00 5.44
CA ALA B 104 -22.47 10.07 6.26
C ALA B 104 -22.03 9.88 7.71
N LEU B 105 -22.24 8.69 8.24
CA LEU B 105 -21.86 8.33 9.59
C LEU B 105 -20.36 8.36 9.86
N ALA B 106 -19.63 7.83 8.90
CA ALA B 106 -18.20 7.77 8.95
C ALA B 106 -17.62 9.17 8.97
N SER B 107 -18.20 10.09 8.21
CA SER B 107 -17.73 11.45 8.22
C SER B 107 -17.82 12.09 9.60
N GLN B 108 -18.94 11.95 10.26
CA GLN B 108 -19.13 12.49 11.60
C GLN B 108 -18.19 11.83 12.62
N ALA B 109 -18.02 10.53 12.55
CA ALA B 109 -17.12 9.87 13.46
C ALA B 109 -15.69 10.38 13.31
N SER B 110 -15.26 10.52 12.07
CA SER B 110 -13.93 10.96 11.76
C SER B 110 -13.65 12.36 12.31
N VAL B 111 -14.55 13.27 12.10
CA VAL B 111 -14.34 14.61 12.61
C VAL B 111 -14.32 14.64 14.15
N SER B 112 -15.30 14.02 14.76
CA SER B 112 -15.38 13.99 16.18
C SER B 112 -14.19 13.31 16.86
N LEU B 113 -13.73 12.19 16.34
CA LEU B 113 -12.55 11.50 16.81
C LEU B 113 -11.27 12.33 16.63
N SER B 114 -11.32 13.28 15.73
CA SER B 114 -10.22 14.18 15.46
C SER B 114 -10.22 15.49 16.26
N GLY B 115 -11.08 15.59 17.26
CA GLY B 115 -11.23 16.78 18.06
C GLY B 115 -12.25 17.80 17.60
N GLY B 116 -12.94 17.45 16.54
CA GLY B 116 -13.97 18.26 15.93
C GLY B 116 -15.32 18.15 16.60
N PRO B 117 -16.30 18.82 16.05
CA PRO B 117 -17.63 18.76 16.62
C PRO B 117 -18.32 17.44 16.40
N SER B 118 -19.22 17.12 17.31
CA SER B 118 -20.22 16.10 17.08
C SER B 118 -21.44 16.73 16.45
N TRP B 119 -22.12 15.97 15.61
CA TRP B 119 -23.41 16.34 15.06
C TRP B 119 -24.36 15.19 14.85
N THR B 120 -25.63 15.50 14.68
CA THR B 120 -26.65 14.49 14.51
C THR B 120 -26.84 14.14 13.05
N VAL B 121 -26.32 13.01 12.66
CA VAL B 121 -26.32 12.60 11.27
C VAL B 121 -27.72 12.23 10.86
N ASP B 122 -28.16 12.77 9.75
CA ASP B 122 -29.42 12.40 9.13
C ASP B 122 -29.27 11.11 8.31
N LEU B 123 -30.25 10.26 8.39
CA LEU B 123 -30.21 8.93 7.85
C LEU B 123 -31.45 8.53 7.04
N GLY B 124 -31.30 7.50 6.22
CA GLY B 124 -32.31 7.08 5.29
C GLY B 124 -31.97 7.11 3.81
N ARG B 125 -30.76 7.46 3.46
CA ARG B 125 -30.30 7.45 2.08
C ARG B 125 -30.29 6.04 1.51
N ARG B 126 -30.58 5.91 0.25
CA ARG B 126 -30.51 4.64 -0.40
C ARG B 126 -29.45 4.66 -1.50
N ASP B 127 -28.91 3.50 -1.80
CA ASP B 127 -27.81 3.40 -2.71
C ASP B 127 -28.23 3.36 -4.17
N THR B 128 -27.47 4.06 -4.99
CA THR B 128 -27.71 4.14 -6.38
C THR B 128 -27.38 2.89 -7.16
N LEU B 129 -27.98 2.72 -8.31
CA LEU B 129 -27.72 1.61 -9.18
C LEU B 129 -26.77 1.90 -10.35
N THR B 130 -26.23 3.10 -10.38
CA THR B 130 -25.27 3.50 -11.38
C THR B 130 -24.26 4.53 -10.88
N ALA B 131 -23.11 4.54 -11.52
CA ALA B 131 -22.11 5.54 -11.30
C ALA B 131 -22.15 6.59 -12.37
N ASN B 132 -21.65 7.78 -12.05
CA ASN B 132 -21.60 8.88 -12.98
C ASN B 132 -20.21 9.51 -13.17
N GLN B 133 -19.36 8.86 -13.93
CA GLN B 133 -18.02 9.33 -14.09
C GLN B 133 -17.96 10.73 -14.69
N ALA B 134 -18.82 10.98 -15.64
CA ALA B 134 -18.85 12.25 -16.32
C ALA B 134 -19.16 13.36 -15.36
N GLY B 135 -20.08 13.11 -14.47
CA GLY B 135 -20.47 14.02 -13.45
C GLY B 135 -19.41 14.33 -12.45
N ALA B 136 -18.64 13.33 -12.12
CA ALA B 136 -17.56 13.49 -11.22
C ALA B 136 -16.55 14.45 -11.81
N ASN B 137 -16.31 14.31 -13.11
CA ASN B 137 -15.40 15.18 -13.84
C ASN B 137 -15.87 16.63 -13.85
N SER B 138 -17.16 16.85 -13.87
CA SER B 138 -17.64 18.19 -13.99
C SER B 138 -18.21 18.89 -12.75
N SER B 139 -18.90 18.14 -11.93
CA SER B 139 -19.53 18.65 -10.75
C SER B 139 -18.70 19.03 -9.53
N ILE B 140 -17.60 18.33 -9.35
CA ILE B 140 -16.76 18.50 -8.22
C ILE B 140 -15.79 19.66 -8.45
N PRO B 141 -15.68 20.53 -7.47
CA PRO B 141 -14.82 21.70 -7.61
C PRO B 141 -13.34 21.33 -7.83
N SER B 142 -12.65 22.12 -8.63
CA SER B 142 -11.23 22.05 -8.82
C SER B 142 -10.49 23.09 -8.01
N PRO B 143 -9.31 22.78 -7.55
CA PRO B 143 -8.51 23.73 -6.79
C PRO B 143 -8.05 24.93 -7.59
N THR B 144 -7.92 24.79 -8.90
CA THR B 144 -7.43 25.87 -9.72
C THR B 144 -8.47 26.61 -10.56
N GLN B 145 -9.73 26.34 -10.37
CA GLN B 145 -10.75 26.92 -11.22
C GLN B 145 -11.26 28.30 -10.82
N GLY B 146 -10.86 28.77 -9.65
CA GLY B 146 -11.25 30.06 -9.21
C GLY B 146 -12.47 30.07 -8.30
N LEU B 147 -12.48 31.01 -7.40
CA LEU B 147 -13.47 31.08 -6.37
C LEU B 147 -14.88 31.24 -6.92
N SER B 148 -15.03 32.01 -7.97
CA SER B 148 -16.32 32.19 -8.58
C SER B 148 -16.93 30.90 -9.10
N ASN B 149 -16.17 30.14 -9.85
CA ASN B 149 -16.60 28.87 -10.34
C ASN B 149 -16.86 27.90 -9.18
N ILE B 150 -16.02 27.93 -8.18
CA ILE B 150 -16.20 27.08 -7.06
C ILE B 150 -17.49 27.38 -6.31
N THR B 151 -17.79 28.66 -6.14
CA THR B 151 -19.00 29.12 -5.47
C THR B 151 -20.27 28.66 -6.21
N SER B 152 -20.23 28.72 -7.52
CA SER B 152 -21.31 28.28 -8.37
C SER B 152 -21.56 26.80 -8.23
N LYS B 153 -20.50 26.04 -8.14
CA LYS B 153 -20.59 24.63 -7.97
C LYS B 153 -21.26 24.28 -6.66
N PHE B 154 -20.95 24.97 -5.59
CA PHE B 154 -21.65 24.79 -4.34
C PHE B 154 -23.12 25.18 -4.50
N SER B 155 -23.37 26.34 -5.10
CA SER B 155 -24.72 26.87 -5.26
C SER B 155 -25.58 25.89 -6.00
N ALA B 156 -25.03 25.20 -6.96
CA ALA B 156 -25.83 24.33 -7.74
C ALA B 156 -26.20 23.04 -7.06
N VAL B 157 -25.59 22.73 -5.93
CA VAL B 157 -26.10 21.73 -5.11
CA VAL B 157 -26.10 21.73 -5.11
C VAL B 157 -26.67 22.35 -3.95
N GLY B 158 -27.08 23.58 -3.84
CA GLY B 158 -27.81 24.07 -2.72
C GLY B 158 -27.02 24.64 -1.58
N LEU B 159 -25.72 24.78 -1.76
CA LEU B 159 -24.86 25.24 -0.72
C LEU B 159 -24.38 26.65 -1.01
N ASN B 160 -24.48 27.48 0.00
CA ASN B 160 -24.10 28.85 -0.07
C ASN B 160 -22.68 29.22 0.36
N THR B 161 -22.42 30.51 0.34
CA THR B 161 -21.12 30.99 0.70
C THR B 161 -20.74 30.61 2.12
N ASN B 162 -21.67 30.66 3.05
CA ASN B 162 -21.41 30.23 4.39
C ASN B 162 -21.05 28.74 4.42
N ASP B 163 -21.74 27.95 3.64
CA ASP B 163 -21.45 26.53 3.53
C ASP B 163 -20.05 26.32 2.98
N LEU B 164 -19.72 27.12 1.99
CA LEU B 164 -18.48 26.95 1.31
C LEU B 164 -17.32 27.17 2.25
N VAL B 165 -17.34 28.26 2.97
CA VAL B 165 -16.29 28.58 3.90
C VAL B 165 -16.17 27.58 5.07
N ALA B 166 -17.28 27.20 5.65
CA ALA B 166 -17.27 26.23 6.70
C ALA B 166 -16.74 24.87 6.28
N LEU B 167 -17.23 24.35 5.17
CA LEU B 167 -16.85 23.09 4.60
C LEU B 167 -15.39 23.01 4.16
N SER B 168 -14.87 24.12 3.69
CA SER B 168 -13.48 24.22 3.27
C SER B 168 -12.64 23.96 4.48
N GLY B 169 -13.21 24.13 5.64
CA GLY B 169 -12.54 23.92 6.87
C GLY B 169 -12.10 22.49 7.10
N ALA B 170 -12.61 21.60 6.29
CA ALA B 170 -12.27 20.19 6.34
C ALA B 170 -10.81 19.97 5.97
N HIS B 171 -10.21 21.00 5.41
CA HIS B 171 -8.83 21.02 5.06
C HIS B 171 -7.94 21.32 6.26
N THR B 172 -8.53 21.35 7.42
CA THR B 172 -7.85 21.38 8.68
C THR B 172 -7.14 20.07 8.99
N PHE B 173 -7.48 19.04 8.25
CA PHE B 173 -6.77 17.77 8.32
C PHE B 173 -6.58 17.09 6.95
N GLY B 174 -5.81 16.04 6.90
CA GLY B 174 -5.53 15.35 5.67
C GLY B 174 -4.39 15.87 4.83
N ARG B 175 -4.30 15.38 3.62
CA ARG B 175 -3.14 15.53 2.78
C ARG B 175 -3.48 15.93 1.35
N ALA B 176 -2.49 16.45 0.66
CA ALA B 176 -2.54 16.79 -0.73
C ALA B 176 -1.20 16.50 -1.46
N THR B 177 -1.29 15.97 -2.67
CA THR B 177 -0.17 15.66 -3.54
C THR B 177 0.36 16.94 -4.28
N CYS B 178 1.61 16.90 -4.69
N CYS B 178 1.68 17.11 -4.43
CA CYS B 178 2.24 17.97 -5.42
CA CYS B 178 2.22 18.08 -5.38
C CYS B 178 1.42 18.50 -6.59
C CYS B 178 1.20 18.53 -6.46
N GLY B 179 0.86 17.63 -7.40
CA GLY B 179 0.15 18.03 -8.57
C GLY B 179 -0.95 19.02 -8.37
N VAL B 180 -1.65 18.96 -7.26
CA VAL B 180 -2.78 19.80 -7.06
C VAL B 180 -2.47 21.25 -6.65
N PHE B 181 -1.28 21.50 -6.12
CA PHE B 181 -0.82 22.82 -5.76
C PHE B 181 0.45 23.30 -6.48
N SER B 182 1.04 22.46 -7.30
CA SER B 182 2.30 22.75 -7.91
C SER B 182 2.22 23.96 -8.83
N ASN B 183 1.03 24.27 -9.31
CA ASN B 183 0.76 25.39 -10.19
C ASN B 183 1.16 26.70 -9.54
N ARG B 184 1.02 26.77 -8.24
CA ARG B 184 1.39 27.89 -7.43
C ARG B 184 2.87 28.18 -7.31
N LEU B 185 3.68 27.15 -7.41
CA LEU B 185 5.08 27.15 -7.06
C LEU B 185 6.12 27.89 -7.91
N PHE B 186 6.00 27.81 -9.21
CA PHE B 186 6.99 28.32 -10.13
C PHE B 186 6.45 29.29 -11.17
N ASN B 187 5.37 28.91 -11.85
CA ASN B 187 4.76 29.67 -12.92
C ASN B 187 3.27 29.82 -12.71
N PHE B 188 2.89 30.64 -11.76
CA PHE B 188 1.52 30.73 -11.41
C PHE B 188 0.76 31.55 -12.44
N SER B 189 -0.25 30.93 -13.01
CA SER B 189 -1.12 31.58 -13.94
C SER B 189 -0.38 32.14 -15.14
N GLY B 190 0.66 31.48 -15.58
CA GLY B 190 1.40 31.92 -16.73
C GLY B 190 2.21 33.15 -16.45
N LYS B 191 2.25 33.57 -15.21
CA LYS B 191 2.98 34.72 -14.83
C LYS B 191 4.47 34.55 -14.84
N GLY B 192 4.98 33.35 -14.66
CA GLY B 192 6.40 33.12 -14.57
C GLY B 192 7.02 33.26 -13.19
N ASN B 193 6.15 33.49 -12.23
CA ASN B 193 6.52 33.62 -10.85
C ASN B 193 5.55 32.80 -9.99
N PRO B 194 5.92 32.56 -8.76
CA PRO B 194 5.05 31.84 -7.86
C PRO B 194 3.87 32.69 -7.48
N ASP B 195 2.81 32.07 -6.97
CA ASP B 195 1.67 32.81 -6.51
C ASP B 195 2.14 33.66 -5.36
N PRO B 196 1.95 34.94 -5.49
CA PRO B 196 2.36 35.88 -4.44
C PRO B 196 1.57 35.81 -3.13
N THR B 197 0.45 35.13 -3.11
CA THR B 197 -0.30 35.01 -1.87
C THR B 197 0.13 33.78 -1.08
N LEU B 198 1.16 33.11 -1.54
CA LEU B 198 1.69 31.94 -0.88
C LEU B 198 2.86 32.35 -0.02
N ASN B 199 2.76 32.09 1.25
CA ASN B 199 3.74 32.50 2.21
C ASN B 199 5.09 31.95 1.72
N THR B 200 6.09 32.80 1.60
CA THR B 200 7.32 32.38 1.02
C THR B 200 8.06 31.31 1.81
N THR B 201 7.82 31.23 3.10
CA THR B 201 8.36 30.16 3.90
C THR B 201 7.78 28.80 3.48
N LEU B 202 6.48 28.74 3.35
CA LEU B 202 5.84 27.55 2.83
C LEU B 202 6.23 27.24 1.37
N LEU B 203 6.39 28.27 0.58
CA LEU B 203 6.78 28.14 -0.81
C LEU B 203 8.11 27.45 -0.98
N SER B 204 9.10 27.84 -0.22
CA SER B 204 10.39 27.21 -0.35
C SER B 204 10.42 25.74 0.01
N THR B 205 9.73 25.38 1.07
CA THR B 205 9.57 24.01 1.46
C THR B 205 8.88 23.19 0.39
N LEU B 206 7.79 23.71 -0.13
CA LEU B 206 7.06 23.05 -1.16
C LEU B 206 7.83 22.92 -2.46
N GLN B 207 8.62 23.91 -2.78
CA GLN B 207 9.41 23.90 -3.98
C GLN B 207 10.38 22.73 -3.96
N GLU B 208 11.01 22.48 -2.83
CA GLU B 208 11.84 21.32 -2.58
C GLU B 208 11.13 20.00 -2.60
N LEU B 209 9.93 19.96 -2.07
CA LEU B 209 9.10 18.78 -2.08
C LEU B 209 8.66 18.41 -3.47
N CYS B 210 8.42 19.42 -4.27
CA CYS B 210 7.81 19.31 -5.55
C CYS B 210 8.61 20.08 -6.59
N PRO B 211 9.77 19.59 -6.96
CA PRO B 211 10.66 20.28 -7.90
C PRO B 211 10.06 20.41 -9.28
N GLN B 212 10.47 21.42 -10.02
CA GLN B 212 9.69 21.94 -11.12
C GLN B 212 9.42 20.85 -12.13
N LYS B 213 10.37 19.95 -12.28
CA LYS B 213 10.14 18.58 -12.61
C LYS B 213 11.36 17.76 -12.33
N GLY B 214 11.17 16.58 -11.77
CA GLY B 214 9.84 16.11 -11.51
C GLY B 214 9.79 14.99 -10.50
N ARG B 215 8.69 14.28 -10.56
CA ARG B 215 8.30 13.28 -9.59
C ARG B 215 6.80 13.41 -9.39
N GLY B 216 6.41 14.43 -8.66
CA GLY B 216 5.03 14.79 -8.40
C GLY B 216 4.37 13.87 -7.42
N SER B 217 5.16 13.01 -6.82
CA SER B 217 4.67 12.02 -5.90
C SER B 217 4.73 12.52 -4.48
N GLY B 218 5.27 13.70 -4.30
CA GLY B 218 5.30 14.28 -2.99
C GLY B 218 3.91 14.53 -2.42
N SER B 219 3.81 14.37 -1.12
CA SER B 219 2.61 14.57 -0.37
C SER B 219 2.91 15.44 0.82
N THR B 220 2.01 16.35 1.13
CA THR B 220 2.07 17.24 2.28
C THR B 220 0.72 17.45 3.01
N ASN B 221 0.76 18.16 4.11
CA ASN B 221 -0.38 18.44 4.93
C ASN B 221 -1.20 19.59 4.40
N LEU B 222 -2.50 19.46 4.40
CA LEU B 222 -3.38 20.55 4.10
C LEU B 222 -3.26 21.63 5.15
N ASP B 223 -3.06 21.23 6.38
CA ASP B 223 -2.86 22.12 7.48
C ASP B 223 -1.50 21.94 8.12
N LEU B 224 -0.63 22.88 7.88
CA LEU B 224 0.73 22.87 8.40
C LEU B 224 0.83 23.18 9.89
N SER B 225 -0.17 23.80 10.46
CA SER B 225 -0.23 24.02 11.88
C SER B 225 -0.59 22.80 12.73
N THR B 226 -1.71 22.19 12.47
CA THR B 226 -2.13 20.94 13.11
C THR B 226 -2.59 19.93 12.05
N PRO B 227 -1.69 19.14 11.49
CA PRO B 227 -2.05 18.33 10.34
C PRO B 227 -3.13 17.29 10.60
N ASP B 228 -3.28 16.82 11.81
CA ASP B 228 -4.25 15.81 12.07
C ASP B 228 -5.44 16.27 12.93
N ALA B 229 -5.31 17.34 13.68
CA ALA B 229 -6.37 17.75 14.56
C ALA B 229 -7.45 18.55 13.83
N PHE B 230 -8.71 18.25 14.15
CA PHE B 230 -9.77 19.00 13.58
C PHE B 230 -10.05 20.25 14.41
N ASP B 231 -9.65 21.37 13.86
CA ASP B 231 -9.66 22.66 14.53
C ASP B 231 -9.78 23.82 13.53
N ASN B 232 -9.83 25.04 14.05
CA ASN B 232 -9.94 26.23 13.25
C ASN B 232 -8.60 26.74 12.71
N ASN B 233 -7.55 25.97 12.87
CA ASN B 233 -6.24 26.39 12.47
C ASN B 233 -6.16 26.62 10.96
N TYR B 234 -7.02 25.96 10.21
CA TYR B 234 -7.04 26.09 8.78
C TYR B 234 -7.27 27.54 8.39
N PHE B 235 -8.10 28.20 9.16
CA PHE B 235 -8.48 29.56 8.95
C PHE B 235 -7.40 30.60 9.31
N THR B 236 -6.78 30.45 10.47
CA THR B 236 -5.72 31.10 11.01
CA THR B 236 -5.69 31.00 11.07
C THR B 236 -4.58 30.92 10.05
N ASN B 237 -4.39 29.81 9.37
CA ASN B 237 -3.37 29.66 8.35
C ASN B 237 -3.59 30.63 7.22
N LEU B 238 -4.83 30.78 6.81
CA LEU B 238 -5.15 31.64 5.70
C LEU B 238 -4.74 33.07 5.95
N GLN B 239 -4.90 33.49 7.19
CA GLN B 239 -4.51 34.81 7.62
C GLN B 239 -3.01 35.05 7.46
N SER B 240 -2.24 33.99 7.43
CA SER B 240 -0.82 34.07 7.27
C SER B 240 -0.39 33.54 5.92
N ASN B 241 -1.30 33.54 4.98
CA ASN B 241 -0.99 33.18 3.60
C ASN B 241 -0.49 31.76 3.51
N ASN B 242 -0.92 30.94 4.44
CA ASN B 242 -0.47 29.55 4.57
C ASN B 242 -1.44 28.48 4.04
N GLY B 243 -2.50 28.89 3.36
CA GLY B 243 -3.38 27.94 2.74
C GLY B 243 -2.66 27.17 1.66
N LEU B 244 -2.85 25.89 1.61
CA LEU B 244 -2.11 25.10 0.69
C LEU B 244 -2.65 25.16 -0.71
N LEU B 245 -3.93 24.91 -0.88
CA LEU B 245 -4.53 24.97 -2.18
C LEU B 245 -4.77 26.41 -2.63
N GLN B 246 -4.83 26.58 -3.93
CA GLN B 246 -5.16 27.86 -4.50
C GLN B 246 -6.53 28.24 -3.98
N SER B 247 -7.42 27.27 -3.92
CA SER B 247 -8.77 27.48 -3.55
C SER B 247 -8.94 27.75 -2.06
N ASP B 248 -7.97 27.34 -1.27
CA ASP B 248 -7.93 27.64 0.14
C ASP B 248 -7.55 29.11 0.36
N GLN B 249 -6.40 29.51 -0.11
CA GLN B 249 -5.97 30.86 0.04
C GLN B 249 -6.91 31.89 -0.58
N GLU B 250 -7.58 31.55 -1.66
CA GLU B 250 -8.47 32.49 -2.31
C GLU B 250 -9.60 32.93 -1.41
N LEU B 251 -9.91 32.13 -0.43
CA LEU B 251 -10.94 32.43 0.52
C LEU B 251 -10.59 33.70 1.31
N PHE B 252 -9.33 33.94 1.58
CA PHE B 252 -8.91 35.08 2.35
C PHE B 252 -8.33 36.16 1.48
N SER B 253 -7.70 35.77 0.42
CA SER B 253 -6.86 36.76 -0.42
CA SER B 253 -6.96 36.78 -0.24
C SER B 253 -7.68 37.33 -1.48
N THR B 254 -8.87 36.90 -1.87
CA THR B 254 -9.58 37.47 -2.97
C THR B 254 -10.25 38.79 -2.59
N THR B 255 -9.76 39.88 -3.13
CA THR B 255 -10.25 41.18 -2.74
C THR B 255 -11.74 41.35 -2.96
N GLY B 256 -12.42 41.84 -1.94
CA GLY B 256 -13.83 42.07 -1.99
C GLY B 256 -14.75 40.86 -1.87
N SER B 257 -14.20 39.69 -1.63
CA SER B 257 -14.98 38.49 -1.39
C SER B 257 -15.65 38.46 -0.05
N ALA B 258 -16.87 38.01 0.01
CA ALA B 258 -17.57 37.89 1.25
C ALA B 258 -16.98 36.81 2.14
N THR B 259 -16.17 35.95 1.57
CA THR B 259 -15.52 34.86 2.29
C THR B 259 -14.58 35.35 3.36
N ILE B 260 -13.98 36.50 3.14
CA ILE B 260 -12.94 37.01 4.00
C ILE B 260 -13.40 37.21 5.43
N ALA B 261 -14.53 37.84 5.61
CA ALA B 261 -15.10 38.03 6.92
C ALA B 261 -15.46 36.70 7.61
N ILE B 262 -15.88 35.74 6.84
CA ILE B 262 -16.23 34.46 7.37
C ILE B 262 -15.01 33.74 7.89
N VAL B 263 -13.97 33.70 7.10
CA VAL B 263 -12.72 33.11 7.47
C VAL B 263 -12.18 33.77 8.72
N THR B 264 -12.29 35.08 8.77
CA THR B 264 -11.86 35.84 9.90
C THR B 264 -12.63 35.48 11.15
N SER B 265 -13.92 35.31 11.05
CA SER B 265 -14.73 34.95 12.20
C SER B 265 -14.47 33.55 12.77
N PHE B 266 -14.29 32.59 11.88
CA PHE B 266 -13.92 31.24 12.21
C PHE B 266 -12.53 31.17 12.84
N ALA B 267 -11.61 31.96 12.33
CA ALA B 267 -10.25 32.03 12.88
C ALA B 267 -10.26 32.51 14.33
N SER B 268 -11.09 33.47 14.61
CA SER B 268 -11.31 34.03 15.92
C SER B 268 -12.00 33.14 16.90
N ASN B 269 -12.96 32.40 16.40
CA ASN B 269 -13.87 31.68 17.19
C ASN B 269 -14.10 30.25 16.70
N GLN B 270 -13.45 29.31 17.34
CA GLN B 270 -13.57 27.91 16.98
C GLN B 270 -14.94 27.33 17.24
N THR B 271 -15.61 27.78 18.25
CA THR B 271 -16.94 27.37 18.57
C THR B 271 -17.87 27.71 17.42
N LEU B 272 -17.73 28.88 16.86
CA LEU B 272 -18.55 29.29 15.77
C LEU B 272 -18.30 28.43 14.56
N PHE B 273 -17.05 28.17 14.28
CA PHE B 273 -16.66 27.35 13.16
C PHE B 273 -17.25 25.95 13.33
N PHE B 274 -17.17 25.38 14.51
CA PHE B 274 -17.69 24.06 14.78
C PHE B 274 -19.21 23.98 14.58
N GLN B 275 -19.95 24.98 15.02
CA GLN B 275 -21.36 25.00 14.82
C GLN B 275 -21.68 25.08 13.33
N ALA B 276 -20.99 25.94 12.63
CA ALA B 276 -21.21 26.11 11.22
C ALA B 276 -20.89 24.86 10.44
N PHE B 277 -19.79 24.21 10.79
CA PHE B 277 -19.34 23.02 10.13
C PHE B 277 -20.37 21.88 10.27
N ALA B 278 -20.93 21.72 11.45
CA ALA B 278 -21.93 20.72 11.69
C ALA B 278 -23.17 20.97 10.86
N GLN B 279 -23.65 22.19 10.83
CA GLN B 279 -24.80 22.53 10.04
C GLN B 279 -24.58 22.33 8.54
N SER B 280 -23.45 22.76 8.03
CA SER B 280 -23.11 22.59 6.65
C SER B 280 -22.97 21.15 6.23
N MET B 281 -22.44 20.32 7.11
CA MET B 281 -22.34 18.91 6.83
C MET B 281 -23.70 18.26 6.67
N ILE B 282 -24.62 18.64 7.53
CA ILE B 282 -25.97 18.19 7.44
C ILE B 282 -26.59 18.68 6.14
N ASN B 283 -26.33 19.92 5.81
CA ASN B 283 -26.81 20.46 4.57
C ASN B 283 -26.26 19.70 3.34
N MET B 284 -24.98 19.43 3.30
CA MET B 284 -24.38 18.67 2.24
C MET B 284 -24.93 17.25 2.17
N GLY B 285 -25.14 16.70 3.33
CA GLY B 285 -25.63 15.36 3.51
C GLY B 285 -27.05 15.20 3.00
N ASN B 286 -27.71 16.33 2.72
CA ASN B 286 -29.07 16.40 2.23
C ASN B 286 -29.25 16.49 0.71
N ILE B 287 -28.18 16.45 -0.04
CA ILE B 287 -28.32 16.71 -1.44
C ILE B 287 -28.93 15.51 -2.13
N SER B 288 -30.09 15.67 -2.75
CA SER B 288 -30.69 14.68 -3.63
C SER B 288 -30.61 13.22 -3.24
N PRO B 289 -31.04 12.83 -2.08
CA PRO B 289 -30.98 11.42 -1.73
C PRO B 289 -31.99 10.55 -2.46
N LEU B 290 -31.67 9.28 -2.69
CA LEU B 290 -32.64 8.27 -2.99
C LEU B 290 -33.27 7.81 -1.68
N THR B 291 -34.57 7.72 -1.63
CA THR B 291 -35.29 7.33 -0.43
C THR B 291 -36.44 6.37 -0.64
N GLY B 292 -37.01 5.87 0.43
CA GLY B 292 -38.06 4.91 0.36
C GLY B 292 -37.67 3.60 -0.26
N SER B 293 -38.26 3.27 -1.37
CA SER B 293 -37.89 2.09 -2.07
C SER B 293 -37.13 2.36 -3.35
N SER B 294 -36.80 3.62 -3.58
CA SER B 294 -35.90 3.97 -4.66
C SER B 294 -34.50 3.54 -4.27
N GLY B 295 -33.71 3.13 -5.23
CA GLY B 295 -32.41 2.65 -4.93
C GLY B 295 -32.46 1.34 -4.19
N GLU B 296 -31.35 0.98 -3.60
CA GLU B 296 -31.24 -0.22 -2.82
C GLU B 296 -30.33 -0.05 -1.60
N ILE B 297 -30.35 -1.03 -0.74
CA ILE B 297 -29.34 -1.17 0.26
C ILE B 297 -28.39 -2.17 -0.30
N ARG B 298 -27.25 -1.68 -0.76
CA ARG B 298 -26.21 -2.49 -1.31
C ARG B 298 -25.64 -3.36 -0.23
N LEU B 299 -25.50 -4.62 -0.47
CA LEU B 299 -24.77 -5.50 0.40
C LEU B 299 -23.27 -5.32 0.41
N ASP B 300 -22.71 -5.01 -0.73
CA ASP B 300 -21.31 -4.81 -0.89
C ASP B 300 -21.14 -3.49 -1.59
N CYS B 301 -20.44 -2.57 -0.98
CA CYS B 301 -20.42 -1.19 -1.38
C CYS B 301 -19.92 -0.98 -2.80
N LYS B 302 -19.04 -1.87 -3.24
CA LYS B 302 -18.38 -1.86 -4.54
C LYS B 302 -19.22 -2.18 -5.75
N LYS B 303 -20.34 -2.82 -5.54
CA LYS B 303 -21.17 -3.30 -6.62
C LYS B 303 -22.65 -3.25 -6.36
N THR B 304 -23.43 -3.27 -7.42
CA THR B 304 -24.86 -3.32 -7.29
C THR B 304 -25.34 -4.73 -6.95
N ASN B 305 -26.39 -4.83 -6.18
CA ASN B 305 -26.90 -6.10 -5.73
C ASN B 305 -27.21 -7.06 -6.87
N GLY B 306 -26.75 -8.26 -6.74
CA GLY B 306 -27.03 -9.27 -7.73
C GLY B 306 -26.20 -9.16 -8.98
N SER B 307 -25.81 -7.96 -9.35
CA SER B 307 -24.91 -7.77 -10.47
C SER B 307 -24.79 -9.03 -11.30
#